data_3LV8
#
_entry.id   3LV8
#
_cell.length_a   112.973
_cell.length_b   112.973
_cell.length_c   112.973
_cell.angle_alpha   90.00
_cell.angle_beta   90.00
_cell.angle_gamma   90.00
#
_symmetry.space_group_name_H-M   'P 43 3 2'
#
loop_
_entity.id
_entity.type
_entity.pdbx_description
1 polymer 'Thymidylate kinase'
2 non-polymer "ADENOSINE-5'-DIPHOSPHATE"
3 non-polymer "THYMIDINE-5'-PHOSPHATE"
4 non-polymer "THYMIDINE-5'-DIPHOSPHATE"
5 non-polymer 'CALCIUM ION'
6 non-polymer 'CHLORIDE ION'
7 water water
#
_entity_poly.entity_id   1
_entity_poly.type   'polypeptide(L)'
_entity_poly.pdbx_seq_one_letter_code
;MHHHHHHSSGVDLGTENLYFQSNAMNAKFIVIEGLEGAGKSTAIQVVVETLQQNGIDHITRTREPGGTLLAEKLRALVKE
EHPGEELQDITELLLVYAARVQLVENVIKPALARGEWVVGDRHDMSSQAYQGGGRQIAPSTMQSLKQTALGDFKPDLTLY
LDIDPKLGLERARGRGELDRIEKMDISFFERARERYLELANSDDSVVMIDAAQSIEQVTADIRRALQDWLSQVNRV
;
_entity_poly.pdbx_strand_id   A
#
loop_
_chem_comp.id
_chem_comp.type
_chem_comp.name
_chem_comp.formula
ADP non-polymer ADENOSINE-5'-DIPHOSPHATE 'C10 H15 N5 O10 P2'
CA non-polymer 'CALCIUM ION' 'Ca 2'
CL non-polymer 'CHLORIDE ION' 'Cl -1'
TMP non-polymer THYMIDINE-5'-PHOSPHATE 'C10 H15 N2 O8 P'
TYD non-polymer THYMIDINE-5'-DIPHOSPHATE 'C10 H16 N2 O11 P2'
#
# COMPACT_ATOMS: atom_id res chain seq x y z
N ASN A 26 0.76 -1.99 -22.60
CA ASN A 26 -0.47 -1.46 -21.91
C ASN A 26 -0.23 -1.00 -20.47
N ALA A 27 -0.84 0.13 -20.11
CA ALA A 27 -0.67 0.74 -18.77
C ALA A 27 -1.06 -0.20 -17.64
N LYS A 28 -0.20 -0.26 -16.63
CA LYS A 28 -0.43 -1.10 -15.46
C LYS A 28 -0.23 -0.31 -14.16
N PHE A 29 -0.86 -0.82 -13.11
CA PHE A 29 -0.78 -0.26 -11.76
C PHE A 29 0.02 -1.22 -10.89
N ILE A 30 1.17 -0.73 -10.43
CA ILE A 30 2.07 -1.49 -9.59
C ILE A 30 2.10 -0.87 -8.21
N VAL A 31 1.89 -1.68 -7.18
CA VAL A 31 1.87 -1.18 -5.82
C VAL A 31 3.04 -1.76 -5.01
N ILE A 32 3.60 -0.92 -4.14
CA ILE A 32 4.65 -1.33 -3.22
C ILE A 32 4.02 -1.32 -1.85
N GLU A 33 4.13 -2.46 -1.14
CA GLU A 33 3.51 -2.63 0.15
C GLU A 33 4.48 -3.08 1.22
N GLY A 34 4.07 -2.94 2.48
CA GLY A 34 4.91 -3.38 3.58
C GLY A 34 4.74 -2.56 4.84
N LEU A 35 5.12 -3.15 5.97
CA LEU A 35 5.06 -2.48 7.26
C LEU A 35 6.03 -1.29 7.34
N GLU A 36 5.94 -0.54 8.43
CA GLU A 36 6.81 0.60 8.70
C GLU A 36 8.28 0.16 8.57
N GLY A 37 9.04 0.90 7.77
CA GLY A 37 10.46 0.60 7.61
C GLY A 37 10.84 -0.60 6.77
N ALA A 38 9.90 -1.19 6.03
CA ALA A 38 10.23 -2.34 5.18
C ALA A 38 11.18 -1.90 4.06
N GLY A 39 11.03 -0.65 3.63
CA GLY A 39 11.90 -0.07 2.60
C GLY A 39 11.15 0.31 1.33
N LYS A 40 9.91 0.75 1.49
CA LYS A 40 9.05 1.06 0.36
C LYS A 40 9.56 2.26 -0.43
N SER A 41 10.20 3.21 0.25
CA SER A 41 10.71 4.42 -0.42
C SER A 41 11.82 4.10 -1.44
N THR A 42 12.83 3.33 -1.04
CA THR A 42 13.87 2.97 -1.99
C THR A 42 13.33 1.96 -3.01
N ALA A 43 12.33 1.18 -2.63
CA ALA A 43 11.74 0.22 -3.54
C ALA A 43 11.05 0.93 -4.71
N ILE A 44 10.35 2.02 -4.41
CA ILE A 44 9.65 2.77 -5.46
C ILE A 44 10.65 3.26 -6.50
N GLN A 45 11.81 3.69 -6.01
N GLN A 45 11.82 3.72 -6.06
CA GLN A 45 12.91 4.21 -6.83
CA GLN A 45 12.80 4.23 -7.02
C GLN A 45 13.33 3.17 -7.85
C GLN A 45 13.33 3.14 -7.93
N VAL A 46 13.56 1.95 -7.37
CA VAL A 46 14.03 0.86 -8.18
C VAL A 46 12.96 0.43 -9.16
N VAL A 47 11.70 0.46 -8.73
CA VAL A 47 10.61 0.08 -9.62
C VAL A 47 10.46 1.08 -10.79
N VAL A 48 10.49 2.37 -10.48
CA VAL A 48 10.34 3.37 -11.52
C VAL A 48 11.52 3.26 -12.49
N GLU A 49 12.73 3.11 -11.95
CA GLU A 49 13.92 3.04 -12.78
C GLU A 49 13.84 1.81 -13.69
N THR A 50 13.36 0.69 -13.15
CA THR A 50 13.25 -0.54 -13.93
C THR A 50 12.23 -0.36 -15.05
N LEU A 51 11.12 0.30 -14.76
CA LEU A 51 10.11 0.54 -15.79
C LEU A 51 10.70 1.38 -16.91
N GLN A 52 11.44 2.43 -16.53
CA GLN A 52 12.06 3.32 -17.50
C GLN A 52 13.04 2.55 -18.38
N GLN A 53 13.81 1.67 -17.76
CA GLN A 53 14.76 0.85 -18.49
C GLN A 53 14.06 -0.06 -19.49
N ASN A 54 12.78 -0.36 -19.25
CA ASN A 54 11.99 -1.18 -20.17
C ASN A 54 11.15 -0.37 -21.17
N GLY A 55 11.51 0.89 -21.39
CA GLY A 55 10.84 1.73 -22.37
C GLY A 55 9.52 2.35 -21.97
N ILE A 56 9.19 2.32 -20.69
CA ILE A 56 7.95 2.93 -20.25
C ILE A 56 8.32 4.37 -19.93
N ASP A 57 7.86 5.33 -20.72
CA ASP A 57 8.24 6.72 -20.44
C ASP A 57 7.14 7.62 -19.95
N HIS A 58 6.05 7.07 -19.45
CA HIS A 58 5.03 7.90 -18.80
C HIS A 58 4.60 7.14 -17.58
N ILE A 59 5.00 7.66 -16.43
CA ILE A 59 4.75 7.03 -15.13
C ILE A 59 4.33 8.08 -14.11
N THR A 60 3.31 7.72 -13.34
CA THR A 60 2.80 8.54 -12.25
C THR A 60 2.89 7.78 -10.93
N ARG A 61 3.70 8.30 -10.00
CA ARG A 61 3.74 7.76 -8.64
C ARG A 61 2.61 8.35 -7.81
N THR A 62 2.10 7.58 -6.87
CA THR A 62 1.08 8.02 -5.93
C THR A 62 1.50 7.52 -4.57
N ARG A 63 0.88 8.05 -3.53
CA ARG A 63 1.13 7.56 -2.20
C ARG A 63 -0.18 7.61 -1.44
N GLU A 64 -0.37 6.65 -0.55
CA GLU A 64 -1.59 6.56 0.24
C GLU A 64 -1.37 6.45 1.74
N PRO A 65 -2.27 7.06 2.51
CA PRO A 65 -3.36 7.92 2.01
C PRO A 65 -2.77 9.22 1.56
N GLY A 66 -3.36 9.81 0.51
CA GLY A 66 -2.88 11.09 0.00
C GLY A 66 -2.94 11.18 -1.51
N GLY A 67 -2.22 12.16 -2.06
CA GLY A 67 -2.13 12.28 -3.51
C GLY A 67 -3.09 13.26 -4.17
N THR A 68 -4.01 13.83 -3.39
CA THR A 68 -4.92 14.88 -3.86
C THR A 68 -5.03 15.88 -2.70
N LEU A 69 -5.56 17.08 -2.93
CA LEU A 69 -5.71 18.03 -1.84
C LEU A 69 -6.55 17.47 -0.68
N LEU A 70 -7.69 16.90 -1.01
CA LEU A 70 -8.55 16.32 0.02
C LEU A 70 -7.92 15.08 0.66
N ALA A 71 -7.29 14.24 -0.15
CA ALA A 71 -6.69 13.01 0.38
C ALA A 71 -5.56 13.35 1.36
N GLU A 72 -4.80 14.41 1.07
CA GLU A 72 -3.74 14.82 1.97
C GLU A 72 -4.32 15.36 3.28
N LYS A 73 -5.43 16.07 3.22
CA LYS A 73 -6.08 16.51 4.47
C LYS A 73 -6.50 15.30 5.30
N LEU A 74 -7.01 14.25 4.63
CA LEU A 74 -7.44 13.04 5.33
C LEU A 74 -6.23 12.27 5.88
N ARG A 75 -5.14 12.22 5.12
CA ARG A 75 -3.90 11.59 5.63
C ARG A 75 -3.48 12.24 6.97
N ALA A 76 -3.52 13.57 7.03
CA ALA A 76 -3.18 14.29 8.25
C ALA A 76 -4.11 13.91 9.37
N LEU A 77 -5.41 13.79 9.07
CA LEU A 77 -6.37 13.43 10.11
C LEU A 77 -6.09 12.04 10.68
N VAL A 78 -5.67 11.11 9.82
CA VAL A 78 -5.35 9.75 10.26
C VAL A 78 -4.03 9.64 11.03
N LYS A 79 -3.03 10.41 10.60
CA LYS A 79 -1.72 10.36 11.24
C LYS A 79 -1.55 11.18 12.51
N GLU A 80 -2.31 12.27 12.61
N GLU A 80 -2.23 12.32 12.59
CA GLU A 80 -2.22 13.17 13.76
CA GLU A 80 -2.04 13.18 13.76
C GLU A 80 -2.83 12.57 14.99
C GLU A 80 -2.83 12.65 14.96
N GLU A 81 -2.43 13.09 16.14
CA GLU A 81 -3.02 12.67 17.39
C GLU A 81 -4.38 13.33 17.53
N HIS A 82 -5.24 12.70 18.33
CA HIS A 82 -6.57 13.21 18.61
C HIS A 82 -6.80 13.35 20.11
N PRO A 83 -6.13 14.33 20.74
CA PRO A 83 -6.32 14.54 22.17
C PRO A 83 -7.77 14.90 22.50
N GLY A 84 -8.32 14.21 23.50
CA GLY A 84 -9.68 14.47 23.95
C GLY A 84 -10.78 13.83 23.12
N GLU A 85 -10.39 13.10 22.07
CA GLU A 85 -11.37 12.45 21.20
C GLU A 85 -10.91 11.06 20.77
N GLU A 86 -11.70 10.04 21.07
N GLU A 86 -11.69 10.04 21.09
CA GLU A 86 -11.35 8.68 20.68
CA GLU A 86 -11.36 8.68 20.65
C GLU A 86 -11.64 8.48 19.17
C GLU A 86 -11.64 8.54 19.14
N LEU A 87 -10.63 8.17 18.38
CA LEU A 87 -10.82 7.98 16.94
C LEU A 87 -11.29 6.54 16.75
N GLN A 88 -12.57 6.35 16.44
CA GLN A 88 -13.13 5.00 16.33
C GLN A 88 -12.53 4.21 15.16
N ASP A 89 -12.39 2.90 15.34
CA ASP A 89 -11.84 2.04 14.32
C ASP A 89 -12.57 2.21 12.97
N ILE A 90 -13.90 2.23 12.99
CA ILE A 90 -14.67 2.38 11.77
C ILE A 90 -14.39 3.75 11.11
N THR A 91 -14.19 4.78 11.93
CA THR A 91 -13.90 6.10 11.41
C THR A 91 -12.58 6.09 10.66
N GLU A 92 -11.56 5.47 11.25
CA GLU A 92 -10.28 5.39 10.60
C GLU A 92 -10.39 4.73 9.22
N LEU A 93 -11.12 3.63 9.17
CA LEU A 93 -11.34 2.89 7.93
C LEU A 93 -12.02 3.77 6.90
N LEU A 94 -13.05 4.48 7.34
CA LEU A 94 -13.79 5.34 6.43
C LEU A 94 -12.91 6.47 5.88
N LEU A 95 -12.05 7.03 6.73
CA LEU A 95 -11.17 8.08 6.27
C LEU A 95 -10.15 7.58 5.24
N VAL A 96 -9.52 6.44 5.49
CA VAL A 96 -8.54 5.94 4.52
C VAL A 96 -9.22 5.57 3.21
N TYR A 97 -10.44 5.06 3.29
CA TYR A 97 -11.19 4.76 2.08
C TYR A 97 -11.61 6.01 1.33
N ALA A 98 -12.00 7.05 2.05
CA ALA A 98 -12.37 8.29 1.41
C ALA A 98 -11.16 8.84 0.63
N ALA A 99 -9.99 8.80 1.27
CA ALA A 99 -8.77 9.25 0.61
C ALA A 99 -8.45 8.42 -0.64
N ARG A 100 -8.66 7.11 -0.55
CA ARG A 100 -8.40 6.17 -1.65
C ARG A 100 -9.33 6.43 -2.83
N VAL A 101 -10.62 6.62 -2.55
CA VAL A 101 -11.57 6.91 -3.62
C VAL A 101 -11.16 8.15 -4.40
N GLN A 102 -10.82 9.20 -3.68
CA GLN A 102 -10.40 10.43 -4.34
C GLN A 102 -9.19 10.19 -5.23
N LEU A 103 -8.20 9.46 -4.73
CA LEU A 103 -6.98 9.23 -5.49
C LEU A 103 -7.25 8.34 -6.69
N VAL A 104 -7.98 7.25 -6.49
CA VAL A 104 -8.27 6.32 -7.58
C VAL A 104 -9.05 7.00 -8.70
N GLU A 105 -10.10 7.73 -8.34
CA GLU A 105 -10.95 8.34 -9.34
C GLU A 105 -10.36 9.57 -10.01
N ASN A 106 -9.60 10.36 -9.26
N ASN A 106 -9.59 10.36 -9.27
CA ASN A 106 -9.07 11.62 -9.75
CA ASN A 106 -9.04 11.58 -9.81
C ASN A 106 -7.63 11.57 -10.30
C ASN A 106 -7.67 11.47 -10.44
N VAL A 107 -6.85 10.57 -9.91
CA VAL A 107 -5.47 10.45 -10.37
C VAL A 107 -5.11 9.14 -11.06
N ILE A 108 -5.36 8.04 -10.37
CA ILE A 108 -4.93 6.72 -10.87
C ILE A 108 -5.66 6.29 -12.12
N LYS A 109 -6.98 6.23 -12.07
CA LYS A 109 -7.71 5.80 -13.25
C LYS A 109 -7.42 6.70 -14.46
N PRO A 110 -7.43 8.05 -14.29
CA PRO A 110 -7.17 8.89 -15.44
C PRO A 110 -5.77 8.69 -16.00
N ALA A 111 -4.80 8.49 -15.11
CA ALA A 111 -3.43 8.25 -15.55
C ALA A 111 -3.35 6.96 -16.39
N LEU A 112 -3.96 5.88 -15.91
CA LEU A 112 -3.97 4.61 -16.67
C LEU A 112 -4.65 4.80 -18.02
N ALA A 113 -5.73 5.58 -18.00
CA ALA A 113 -6.51 5.85 -19.20
C ALA A 113 -5.72 6.61 -20.27
N ARG A 114 -4.77 7.44 -19.84
CA ARG A 114 -3.86 8.20 -20.72
C ARG A 114 -2.72 7.32 -21.18
N GLY A 115 -2.62 6.11 -20.64
CA GLY A 115 -1.54 5.24 -21.01
C GLY A 115 -0.34 5.29 -20.08
N GLU A 116 -0.46 6.00 -18.96
CA GLU A 116 0.64 6.05 -18.00
C GLU A 116 0.57 4.89 -17.04
N TRP A 117 1.73 4.36 -16.70
CA TRP A 117 1.79 3.34 -15.67
C TRP A 117 1.74 4.09 -14.35
N VAL A 118 1.18 3.45 -13.33
CA VAL A 118 1.06 4.07 -12.00
C VAL A 118 1.81 3.17 -11.02
N VAL A 119 2.61 3.80 -10.16
CA VAL A 119 3.37 3.10 -9.14
C VAL A 119 2.90 3.69 -7.80
N GLY A 120 2.22 2.88 -7.00
CA GLY A 120 1.71 3.39 -5.72
C GLY A 120 2.50 2.99 -4.49
N ASP A 121 2.70 3.96 -3.61
CA ASP A 121 3.33 3.75 -2.30
C ASP A 121 2.14 3.48 -1.38
N ARG A 122 1.82 2.18 -1.21
CA ARG A 122 0.64 1.67 -0.50
C ARG A 122 -0.65 1.79 -1.29
N HIS A 123 -1.55 0.87 -1.03
CA HIS A 123 -2.89 0.88 -1.64
C HIS A 123 -3.78 0.06 -0.69
N ASP A 124 -4.79 -0.58 -1.22
CA ASP A 124 -5.79 -1.24 -0.39
C ASP A 124 -5.28 -2.33 0.55
N MET A 125 -4.21 -3.01 0.19
CA MET A 125 -3.67 -4.05 1.04
C MET A 125 -3.36 -3.48 2.43
N SER A 126 -2.93 -2.23 2.47
CA SER A 126 -2.67 -1.55 3.75
C SER A 126 -3.93 -1.46 4.60
N SER A 127 -5.09 -1.17 4.00
CA SER A 127 -6.34 -1.18 4.79
C SER A 127 -6.61 -2.57 5.30
N GLN A 128 -6.46 -3.58 4.46
CA GLN A 128 -6.67 -4.96 4.91
C GLN A 128 -5.76 -5.29 6.09
N ALA A 129 -4.49 -4.92 6.01
CA ALA A 129 -3.56 -5.25 7.06
C ALA A 129 -3.76 -4.45 8.35
N TYR A 130 -3.80 -3.13 8.20
CA TYR A 130 -3.87 -2.25 9.37
C TYR A 130 -5.27 -2.17 9.96
N GLN A 131 -6.26 -1.93 9.13
CA GLN A 131 -7.63 -1.82 9.64
C GLN A 131 -8.27 -3.19 9.84
N GLY A 132 -8.03 -4.10 8.90
CA GLY A 132 -8.57 -5.45 9.04
C GLY A 132 -7.79 -6.23 10.08
N GLY A 133 -6.50 -6.44 9.86
CA GLY A 133 -5.70 -7.23 10.82
C GLY A 133 -5.43 -6.52 12.15
N GLY A 134 -4.88 -5.32 12.05
CA GLY A 134 -4.55 -4.56 13.23
C GLY A 134 -5.72 -4.11 14.10
N ARG A 135 -6.66 -3.35 13.53
CA ARG A 135 -7.82 -2.89 14.28
C ARG A 135 -8.84 -3.99 14.48
N GLN A 136 -8.72 -5.06 13.72
CA GLN A 136 -9.59 -6.24 13.86
C GLN A 136 -11.04 -5.99 13.44
N ILE A 137 -11.19 -5.29 12.33
CA ILE A 137 -12.53 -5.01 11.79
C ILE A 137 -13.03 -6.28 11.11
N ALA A 138 -14.31 -6.59 11.27
CA ALA A 138 -14.91 -7.79 10.69
C ALA A 138 -14.65 -7.91 9.19
N PRO A 139 -14.35 -9.12 8.74
CA PRO A 139 -14.11 -9.33 7.32
C PRO A 139 -15.29 -8.93 6.42
N SER A 140 -16.51 -9.14 6.91
CA SER A 140 -17.70 -8.79 6.12
C SER A 140 -17.71 -7.27 5.89
N THR A 141 -17.32 -6.52 6.90
CA THR A 141 -17.25 -5.07 6.83
C THR A 141 -16.17 -4.60 5.86
N MET A 142 -15.00 -5.21 5.94
CA MET A 142 -13.89 -4.86 5.06
C MET A 142 -14.27 -5.13 3.60
N GLN A 143 -14.85 -6.29 3.31
N GLN A 143 -14.86 -6.31 3.39
CA GLN A 143 -15.18 -6.57 1.90
CA GLN A 143 -15.28 -6.79 2.07
C GLN A 143 -16.31 -5.67 1.37
C GLN A 143 -16.34 -5.88 1.44
N SER A 144 -17.33 -5.40 2.17
N SER A 144 -17.29 -5.45 2.25
CA SER A 144 -18.44 -4.57 1.67
CA SER A 144 -18.37 -4.61 1.75
C SER A 144 -17.96 -3.14 1.43
C SER A 144 -17.86 -3.21 1.39
N LEU A 145 -17.05 -2.65 2.27
CA LEU A 145 -16.54 -1.32 2.07
C LEU A 145 -15.61 -1.26 0.84
N LYS A 146 -14.79 -2.29 0.66
CA LYS A 146 -13.89 -2.37 -0.51
C LYS A 146 -14.71 -2.35 -1.78
N GLN A 147 -15.76 -3.17 -1.79
CA GLN A 147 -16.65 -3.24 -2.95
C GLN A 147 -17.30 -1.88 -3.22
N THR A 148 -17.79 -1.25 -2.16
CA THR A 148 -18.41 0.07 -2.26
C THR A 148 -17.48 1.16 -2.80
N ALA A 149 -16.25 1.18 -2.30
CA ALA A 149 -15.29 2.18 -2.67
C ALA A 149 -14.60 1.94 -4.01
N LEU A 150 -14.24 0.69 -4.28
CA LEU A 150 -13.39 0.34 -5.41
C LEU A 150 -13.99 -0.55 -6.46
N GLY A 151 -15.08 -1.24 -6.15
CA GLY A 151 -15.61 -2.18 -7.12
C GLY A 151 -14.54 -3.25 -7.34
N ASP A 152 -14.24 -3.59 -8.57
N ASP A 152 -14.26 -3.56 -8.59
CA ASP A 152 -13.22 -4.62 -8.85
CA ASP A 152 -13.27 -4.58 -8.93
C ASP A 152 -11.84 -4.05 -9.19
C ASP A 152 -11.93 -3.99 -9.38
N PHE A 153 -11.67 -2.75 -8.97
CA PHE A 153 -10.42 -2.09 -9.30
C PHE A 153 -9.31 -2.65 -8.42
N LYS A 154 -8.22 -3.07 -9.04
CA LYS A 154 -7.08 -3.58 -8.29
C LYS A 154 -5.77 -3.37 -9.04
N PRO A 155 -4.66 -3.44 -8.31
CA PRO A 155 -3.36 -3.38 -8.95
C PRO A 155 -3.12 -4.62 -9.79
N ASP A 156 -2.19 -4.48 -10.71
CA ASP A 156 -1.78 -5.54 -11.61
C ASP A 156 -0.65 -6.34 -10.96
N LEU A 157 0.17 -5.69 -10.17
CA LEU A 157 1.24 -6.36 -9.47
C LEU A 157 1.46 -5.63 -8.16
N THR A 158 1.62 -6.38 -7.08
CA THR A 158 1.95 -5.82 -5.78
C THR A 158 3.25 -6.45 -5.30
N LEU A 159 4.19 -5.61 -4.91
CA LEU A 159 5.45 -6.08 -4.38
C LEU A 159 5.34 -5.86 -2.89
N TYR A 160 5.17 -6.95 -2.15
CA TYR A 160 5.03 -6.89 -0.71
C TYR A 160 6.39 -7.14 -0.03
N LEU A 161 6.90 -6.09 0.61
CA LEU A 161 8.17 -6.14 1.32
C LEU A 161 7.89 -6.63 2.73
N ASP A 162 8.27 -7.87 3.00
CA ASP A 162 7.99 -8.51 4.28
C ASP A 162 9.11 -8.26 5.27
N ILE A 163 8.77 -7.81 6.47
CA ILE A 163 9.77 -7.55 7.50
C ILE A 163 9.17 -7.77 8.88
N ASP A 164 10.01 -8.23 9.80
CA ASP A 164 9.63 -8.35 11.20
C ASP A 164 9.30 -6.94 11.66
N PRO A 165 8.17 -6.76 12.36
CA PRO A 165 7.79 -5.38 12.69
C PRO A 165 8.82 -4.60 13.50
N LYS A 166 9.42 -5.24 14.51
CA LYS A 166 10.37 -4.56 15.36
C LYS A 166 11.56 -4.08 14.56
N LEU A 167 12.09 -4.96 13.71
CA LEU A 167 13.21 -4.60 12.87
C LEU A 167 12.88 -3.39 12.00
N GLY A 168 11.66 -3.37 11.43
CA GLY A 168 11.24 -2.28 10.60
C GLY A 168 11.06 -0.99 11.39
N LEU A 169 10.52 -1.11 12.60
CA LEU A 169 10.33 0.07 13.42
C LEU A 169 11.69 0.65 13.80
N GLU A 170 12.68 -0.21 14.07
CA GLU A 170 14.02 0.24 14.45
C GLU A 170 14.60 1.14 13.36
N ARG A 171 14.34 0.78 12.11
CA ARG A 171 14.76 1.58 10.98
C ARG A 171 13.92 2.86 10.96
N GLU A 177 9.70 11.17 16.22
CA GLU A 177 8.36 11.74 16.25
C GLU A 177 7.37 10.81 15.56
N LEU A 178 6.98 9.77 16.28
CA LEU A 178 6.05 8.78 15.76
C LEU A 178 4.63 9.31 15.69
N ASP A 179 3.91 8.92 14.64
CA ASP A 179 2.51 9.33 14.48
C ASP A 179 1.60 8.38 15.27
N ARG A 180 0.30 8.66 15.23
CA ARG A 180 -0.68 7.94 16.04
C ARG A 180 -0.69 6.43 15.82
N ILE A 181 -0.53 6.02 14.57
CA ILE A 181 -0.52 4.61 14.21
C ILE A 181 0.82 3.94 14.59
N GLU A 182 1.93 4.62 14.31
CA GLU A 182 3.25 4.12 14.63
C GLU A 182 3.40 3.88 16.12
N LYS A 183 2.61 4.57 16.93
CA LYS A 183 2.69 4.41 18.38
C LYS A 183 1.92 3.20 18.94
N MET A 184 1.25 2.44 18.07
CA MET A 184 0.58 1.23 18.53
C MET A 184 1.61 0.21 19.02
N ASP A 185 1.15 -0.68 19.89
CA ASP A 185 2.01 -1.73 20.43
C ASP A 185 2.30 -2.74 19.31
N ILE A 186 3.36 -3.51 19.50
CA ILE A 186 3.82 -4.43 18.47
C ILE A 186 2.80 -5.49 18.09
N SER A 187 1.90 -5.90 18.98
CA SER A 187 0.91 -6.91 18.61
C SER A 187 0.02 -6.45 17.44
N PHE A 188 -0.24 -5.15 17.35
CA PHE A 188 -0.99 -4.57 16.26
C PHE A 188 -0.27 -4.85 14.95
N PHE A 189 1.04 -4.61 14.93
CA PHE A 189 1.84 -4.82 13.72
C PHE A 189 2.05 -6.30 13.40
N GLU A 190 2.10 -7.14 14.42
CA GLU A 190 2.16 -8.57 14.20
C GLU A 190 0.87 -9.02 13.55
N ARG A 191 -0.28 -8.53 14.02
CA ARG A 191 -1.55 -8.86 13.39
C ARG A 191 -1.60 -8.37 11.93
N ALA A 192 -1.06 -7.18 11.70
CA ALA A 192 -0.97 -6.61 10.35
C ALA A 192 -0.09 -7.48 9.46
N ARG A 193 1.08 -7.91 9.96
CA ARG A 193 1.95 -8.78 9.19
C ARG A 193 1.24 -10.09 8.87
N GLU A 194 0.56 -10.66 9.86
N GLU A 194 0.57 -10.68 9.85
CA GLU A 194 -0.18 -11.91 9.65
CA GLU A 194 -0.16 -11.93 9.63
C GLU A 194 -1.15 -11.75 8.47
C GLU A 194 -1.17 -11.77 8.48
N ARG A 195 -1.87 -10.63 8.44
CA ARG A 195 -2.85 -10.39 7.36
C ARG A 195 -2.15 -10.18 6.01
N TYR A 196 -1.09 -9.38 6.00
CA TYR A 196 -0.32 -9.20 4.78
C TYR A 196 0.12 -10.53 4.21
N LEU A 197 0.64 -11.42 5.07
CA LEU A 197 1.16 -12.70 4.60
C LEU A 197 0.06 -13.62 4.06
N GLU A 198 -1.12 -13.59 4.70
CA GLU A 198 -2.27 -14.37 4.22
C GLU A 198 -2.61 -13.92 2.81
N LEU A 199 -2.68 -12.61 2.64
CA LEU A 199 -3.00 -12.05 1.32
C LEU A 199 -1.94 -12.35 0.26
N ALA A 200 -0.66 -12.23 0.64
CA ALA A 200 0.43 -12.51 -0.28
C ALA A 200 0.34 -13.94 -0.72
N ASN A 201 -0.04 -14.81 0.20
CA ASN A 201 -0.14 -16.22 -0.15
C ASN A 201 -1.36 -16.57 -0.99
N SER A 202 -2.46 -15.84 -0.87
CA SER A 202 -3.69 -16.16 -1.61
C SER A 202 -3.85 -15.42 -2.95
N ASP A 203 -3.13 -14.32 -3.11
CA ASP A 203 -3.27 -13.46 -4.28
C ASP A 203 -2.08 -13.68 -5.21
N ASP A 204 -2.34 -14.27 -6.38
CA ASP A 204 -1.29 -14.57 -7.36
C ASP A 204 -0.58 -13.29 -7.88
N SER A 205 -1.25 -12.15 -7.76
CA SER A 205 -0.70 -10.89 -8.23
C SER A 205 0.18 -10.20 -7.20
N VAL A 206 0.43 -10.87 -6.08
CA VAL A 206 1.30 -10.34 -5.03
C VAL A 206 2.60 -11.13 -5.00
N VAL A 207 3.72 -10.42 -5.08
CA VAL A 207 5.04 -11.04 -4.99
C VAL A 207 5.70 -10.62 -3.69
N MET A 208 6.12 -11.58 -2.89
CA MET A 208 6.74 -11.25 -1.63
C MET A 208 8.26 -11.13 -1.69
N ILE A 209 8.78 -10.06 -1.11
CA ILE A 209 10.21 -9.80 -1.06
C ILE A 209 10.68 -9.81 0.40
N ASP A 210 11.79 -10.50 0.66
CA ASP A 210 12.38 -10.56 2.00
C ASP A 210 13.12 -9.25 2.25
N ALA A 211 12.49 -8.35 3.00
CA ALA A 211 13.05 -7.04 3.26
C ALA A 211 14.06 -6.96 4.39
N ALA A 212 14.41 -8.11 4.97
CA ALA A 212 15.34 -8.14 6.11
C ALA A 212 16.79 -8.18 5.67
N GLN A 213 17.00 -8.11 4.36
CA GLN A 213 18.33 -8.15 3.79
C GLN A 213 18.94 -6.75 3.70
N SER A 214 20.16 -6.65 3.20
CA SER A 214 20.79 -5.35 3.03
C SER A 214 19.98 -4.59 1.97
N ILE A 215 20.03 -3.27 1.97
CA ILE A 215 19.32 -2.50 0.95
C ILE A 215 19.72 -3.01 -0.42
N GLU A 216 21.00 -3.30 -0.61
CA GLU A 216 21.48 -3.77 -1.91
C GLU A 216 20.78 -5.06 -2.37
N GLN A 217 20.65 -6.03 -1.47
CA GLN A 217 20.04 -7.31 -1.81
C GLN A 217 18.54 -7.17 -1.99
N VAL A 218 17.90 -6.38 -1.14
CA VAL A 218 16.46 -6.15 -1.31
C VAL A 218 16.26 -5.52 -2.69
N THR A 219 17.02 -4.46 -2.97
CA THR A 219 16.93 -3.75 -4.25
C THR A 219 17.10 -4.73 -5.40
N ALA A 220 18.13 -5.58 -5.31
CA ALA A 220 18.37 -6.57 -6.35
C ALA A 220 17.19 -7.53 -6.54
N ASP A 221 16.57 -7.98 -5.44
CA ASP A 221 15.41 -8.89 -5.50
C ASP A 221 14.17 -8.21 -6.11
N ILE A 222 13.97 -6.95 -5.77
CA ILE A 222 12.87 -6.18 -6.37
C ILE A 222 13.07 -6.08 -7.88
N ARG A 223 14.27 -5.66 -8.29
CA ARG A 223 14.57 -5.51 -9.72
C ARG A 223 14.30 -6.81 -10.44
N ARG A 224 14.78 -7.92 -9.89
CA ARG A 224 14.58 -9.22 -10.50
C ARG A 224 13.11 -9.62 -10.57
N ALA A 225 12.38 -9.47 -9.47
CA ALA A 225 10.97 -9.84 -9.45
C ALA A 225 10.17 -9.05 -10.47
N LEU A 226 10.46 -7.75 -10.57
CA LEU A 226 9.75 -6.92 -11.54
C LEU A 226 10.18 -7.26 -12.96
N GLN A 227 11.48 -7.43 -13.19
CA GLN A 227 11.91 -7.77 -14.52
C GLN A 227 11.29 -9.09 -14.94
N ASP A 228 11.28 -10.06 -14.01
CA ASP A 228 10.72 -11.38 -14.29
C ASP A 228 9.25 -11.26 -14.65
N TRP A 229 8.55 -10.40 -13.93
CA TRP A 229 7.12 -10.20 -14.15
C TRP A 229 6.82 -9.50 -15.48
N LEU A 230 7.59 -8.45 -15.79
CA LEU A 230 7.43 -7.74 -17.06
C LEU A 230 7.64 -8.68 -18.24
N SER A 231 8.58 -9.59 -18.10
CA SER A 231 8.90 -10.51 -19.18
C SER A 231 7.82 -11.55 -19.43
N GLN A 232 6.80 -11.60 -18.60
CA GLN A 232 5.70 -12.55 -18.76
C GLN A 232 4.33 -11.92 -19.09
N VAL A 233 4.26 -10.59 -19.20
CA VAL A 233 2.98 -9.92 -19.54
C VAL A 233 2.54 -10.40 -20.91
N ASN A 234 1.22 -10.52 -21.12
CA ASN A 234 0.65 -11.04 -22.37
C ASN A 234 0.86 -12.54 -22.50
PB ADP B . 9.19 2.63 4.54
O1B ADP B . 8.89 1.20 4.12
O2B ADP B . 8.88 3.63 3.45
O3B ADP B . 8.66 3.05 5.89
PA ADP B . 11.84 3.64 4.04
O1A ADP B . 11.41 5.05 4.35
O2A ADP B . 12.22 3.14 2.68
O3A ADP B . 10.78 2.62 4.74
O5' ADP B . 13.12 3.24 4.96
C5' ADP B . 13.17 3.69 6.30
C4' ADP B . 14.62 3.63 6.81
O4' ADP B . 15.12 2.29 6.79
C3' ADP B . 15.51 4.47 5.92
O3' ADP B . 16.45 5.19 6.74
C2' ADP B . 16.22 3.46 5.05
O2' ADP B . 17.51 3.92 4.72
C1' ADP B . 16.25 2.21 5.91
N9 ADP B . 16.20 0.94 5.13
C8 ADP B . 15.36 0.66 4.12
N7 ADP B . 15.60 -0.58 3.63
C5 ADP B . 16.60 -1.11 4.35
C6 ADP B . 17.34 -2.38 4.36
N6 ADP B . 17.07 -3.40 3.51
N1 ADP B . 18.34 -2.52 5.29
C2 ADP B . 18.64 -1.55 6.16
N3 ADP B . 18.01 -0.37 6.20
C4 ADP B . 16.99 -0.09 5.34
P TMP C . 3.17 5.74 5.68
O1P TMP C . 3.71 4.90 6.81
O2P TMP C . 3.51 7.21 5.64
O3P TMP C . 3.59 5.08 4.41
O5' TMP C . 1.56 5.66 5.80
C5' TMP C . 0.84 6.51 6.70
C4' TMP C . 0.13 5.71 7.81
O4' TMP C . -1.17 5.32 7.38
C3' TMP C . 0.84 4.42 8.19
O3' TMP C . 0.86 4.35 9.62
C2' TMP C . 0.02 3.29 7.63
C1' TMP C . -1.36 3.92 7.64
N1 TMP C . -2.30 3.41 6.66
C2 TMP C . -3.42 2.68 7.11
O2 TMP C . -3.54 2.47 8.35
N3 TMP C . -4.30 2.21 6.23
C4 TMP C . -4.14 2.43 4.91
O4 TMP C . -4.97 1.99 4.09
C5 TMP C . -2.98 3.20 4.43
C5M TMP C . -2.76 3.47 2.96
C6 TMP C . -2.08 3.66 5.37
PA TYD D . 3.60 5.71 5.78
O1A TYD D . 4.28 4.98 6.90
O2A TYD D . 3.29 4.98 4.48
O3A TYD D . 4.46 7.02 5.49
PB TYD D . 5.84 7.32 6.25
O1B TYD D . 5.46 7.25 7.72
O2B TYD D . 6.79 6.27 5.74
O3B TYD D . 6.19 8.70 5.78
O5' TYD D . 2.24 6.41 6.33
C5' TYD D . 0.97 5.80 6.08
C4' TYD D . 0.42 5.19 7.36
O4' TYD D . -0.98 4.97 7.20
C3' TYD D . 1.06 3.84 7.68
O3' TYD D . 1.22 3.67 9.09
C2' TYD D . 0.03 2.84 7.19
C1' TYD D . -1.27 3.60 7.44
N1 TYD D . -2.34 3.21 6.56
C2 TYD D . -3.45 2.65 7.07
O2 TYD D . -3.50 2.47 8.32
N3 TYD D . -4.47 2.30 6.27
C4 TYD D . -4.39 2.49 4.94
O4 TYD D . -5.34 2.18 4.19
C5 TYD D . -3.19 3.11 4.37
C5M TYD D . -3.05 3.37 2.88
C6 TYD D . -2.18 3.45 5.24
CA CA E . 2.29 12.32 -16.59
CA CA F . 7.65 5.62 3.21
CA CA G . 4.92 5.42 8.93
CA CA H . 0.97 -14.51 -4.29
CA CA I . -1.47 -19.40 -3.16
CA CA J . -6.88 -2.34 -13.35
CL CL K . -6.28 -1.36 17.69
#